data_1RWZ
#
_entry.id   1RWZ
#
_cell.length_a   244.355
_cell.length_b   244.355
_cell.length_c   244.355
_cell.angle_alpha   90.00
_cell.angle_beta   90.00
_cell.angle_gamma   90.00
#
_symmetry.space_group_name_H-M   'F 41 3 2'
#
loop_
_entity.id
_entity.type
_entity.pdbx_description
1 polymer 'DNA polymerase sliding clamp'
2 water water
#
_entity_poly.entity_id   1
_entity_poly.type   'polypeptide(L)'
_entity_poly.pdbx_seq_one_letter_code
;MIDVIMTGELLKTVTRAIVALVSEARIHFLEKGLHSRAVDPANVAMVIVDIPKDSFEVYNIDEEKTIGVDMDRIFDISKS
ISTKDLVELIVEDESTLKVKFGSVEYKVALIDPSAIRKEPRIPELELPAKIVMDAGEFKKAIAAADKISDQVIFRSDKEG
FRIEAKGDVDSIVFHMTETELIEFNGGEARSMFSVDYLKEFCKVAGSGDLLTIHLGTNYPVRLVFELVGGRAKVEYILAP
RIESE
;
_entity_poly.pdbx_strand_id   A
#
# COMPACT_ATOMS: atom_id res chain seq x y z
N MET A 1 21.03 -3.45 17.89
CA MET A 1 21.11 -2.47 16.76
C MET A 1 20.39 -2.97 15.52
N ILE A 2 19.96 -2.04 14.68
CA ILE A 2 19.29 -2.33 13.43
C ILE A 2 20.17 -1.72 12.35
N ASP A 3 20.48 -2.51 11.32
CA ASP A 3 21.29 -2.01 10.22
C ASP A 3 20.85 -2.74 8.97
N VAL A 4 20.16 -2.01 8.10
CA VAL A 4 19.65 -2.59 6.86
C VAL A 4 20.02 -1.73 5.65
N ILE A 5 20.10 -2.37 4.49
CA ILE A 5 20.40 -1.67 3.27
C ILE A 5 19.34 -2.07 2.25
N MET A 6 18.74 -1.07 1.60
CA MET A 6 17.68 -1.29 0.64
C MET A 6 17.83 -0.33 -0.53
N THR A 7 17.16 -0.61 -1.65
CA THR A 7 17.26 0.29 -2.79
C THR A 7 16.47 1.56 -2.49
N GLY A 8 16.89 2.66 -3.10
CA GLY A 8 16.21 3.93 -2.87
C GLY A 8 14.74 3.85 -3.27
N GLU A 9 14.46 3.17 -4.38
CA GLU A 9 13.08 3.04 -4.85
C GLU A 9 12.24 2.31 -3.81
N LEU A 10 12.81 1.30 -3.17
CA LEU A 10 12.06 0.56 -2.16
C LEU A 10 11.67 1.46 -1.01
N LEU A 11 12.62 2.24 -0.50
CA LEU A 11 12.32 3.14 0.61
C LEU A 11 11.33 4.23 0.20
N LYS A 12 11.56 4.84 -0.96
CA LYS A 12 10.68 5.91 -1.44
C LYS A 12 9.24 5.47 -1.64
N THR A 13 9.07 4.31 -2.25
CA THR A 13 7.75 3.78 -2.53
C THR A 13 6.96 3.40 -1.28
N VAL A 14 7.60 2.70 -0.35
CA VAL A 14 6.93 2.29 0.87
C VAL A 14 6.64 3.49 1.77
N THR A 15 7.56 4.47 1.76
CA THR A 15 7.35 5.67 2.56
C THR A 15 6.15 6.42 2.00
N ARG A 16 6.09 6.54 0.68
CA ARG A 16 4.99 7.25 0.04
C ARG A 16 3.65 6.55 0.31
N ALA A 17 3.67 5.21 0.30
CA ALA A 17 2.46 4.44 0.52
C ALA A 17 1.88 4.67 1.91
N ILE A 18 2.76 4.79 2.90
CA ILE A 18 2.32 4.98 4.29
C ILE A 18 1.90 6.43 4.57
N VAL A 19 2.70 7.39 4.12
CA VAL A 19 2.39 8.79 4.37
C VAL A 19 1.10 9.22 3.68
N ALA A 20 0.65 8.42 2.71
CA ALA A 20 -0.58 8.74 2.00
C ALA A 20 -1.73 8.75 3.00
N LEU A 21 -1.62 7.97 4.06
CA LEU A 21 -2.66 7.88 5.08
C LEU A 21 -2.34 8.51 6.42
N VAL A 22 -1.09 8.39 6.88
CA VAL A 22 -0.70 8.94 8.18
C VAL A 22 0.62 9.71 8.16
N SER A 23 0.81 10.58 9.15
CA SER A 23 2.03 11.37 9.23
C SER A 23 3.06 10.78 10.20
N GLU A 24 2.61 9.80 10.99
CA GLU A 24 3.48 9.12 11.94
C GLU A 24 3.11 7.65 11.89
N ALA A 25 4.07 6.77 12.18
CA ALA A 25 3.78 5.35 12.13
C ALA A 25 4.79 4.51 12.89
N ARG A 26 4.34 3.35 13.35
CA ARG A 26 5.22 2.43 14.06
C ARG A 26 5.82 1.52 12.99
N ILE A 27 7.14 1.38 13.01
CA ILE A 27 7.82 0.51 12.05
C ILE A 27 8.43 -0.64 12.83
N HIS A 28 8.04 -1.86 12.48
CA HIS A 28 8.55 -3.04 13.16
C HIS A 28 9.63 -3.73 12.35
N PHE A 29 10.78 -3.94 12.97
CA PHE A 29 11.86 -4.66 12.33
C PHE A 29 11.81 -6.04 12.96
N LEU A 30 11.20 -6.98 12.24
CA LEU A 30 11.04 -8.35 12.71
C LEU A 30 12.09 -9.27 12.10
N GLU A 31 12.23 -10.46 12.66
CA GLU A 31 13.20 -11.40 12.13
C GLU A 31 12.90 -11.70 10.66
N LYS A 32 11.63 -11.75 10.31
CA LYS A 32 11.20 -12.04 8.95
C LYS A 32 11.25 -10.85 8.00
N GLY A 33 11.39 -9.65 8.55
CA GLY A 33 11.44 -8.46 7.71
C GLY A 33 10.76 -7.25 8.33
N LEU A 34 10.55 -6.22 7.53
CA LEU A 34 9.92 -5.00 7.99
C LEU A 34 8.40 -5.05 7.86
N HIS A 35 7.70 -4.56 8.87
CA HIS A 35 6.24 -4.53 8.88
C HIS A 35 5.74 -3.22 9.45
N SER A 36 4.67 -2.69 8.86
CA SER A 36 4.06 -1.45 9.33
C SER A 36 2.62 -1.38 8.89
N ARG A 37 1.73 -0.97 9.79
CA ARG A 37 0.31 -0.88 9.46
C ARG A 37 -0.24 0.40 10.09
N ALA A 38 -1.22 1.00 9.43
CA ALA A 38 -1.83 2.23 9.92
C ALA A 38 -3.18 2.51 9.27
N VAL A 39 -4.04 3.22 10.00
CA VAL A 39 -5.36 3.58 9.50
C VAL A 39 -5.39 5.11 9.40
N ASP A 40 -6.09 5.64 8.41
CA ASP A 40 -6.12 7.09 8.25
C ASP A 40 -7.01 7.74 9.31
N PRO A 41 -6.93 9.09 9.44
CA PRO A 41 -7.72 9.85 10.41
C PRO A 41 -9.22 9.58 10.34
N ALA A 42 -9.76 9.48 9.12
CA ALA A 42 -11.18 9.25 8.94
C ALA A 42 -11.60 7.79 9.15
N ASN A 43 -10.63 6.91 9.35
CA ASN A 43 -10.90 5.49 9.56
C ASN A 43 -11.66 4.89 8.37
N VAL A 44 -11.29 5.32 7.18
CA VAL A 44 -11.91 4.85 5.96
C VAL A 44 -10.98 3.90 5.22
N ALA A 45 -9.68 4.07 5.45
CA ALA A 45 -8.68 3.22 4.79
C ALA A 45 -7.55 2.82 5.72
N MET A 46 -6.96 1.66 5.44
CA MET A 46 -5.85 1.13 6.21
C MET A 46 -4.76 0.71 5.23
N VAL A 47 -3.51 0.75 5.68
CA VAL A 47 -2.40 0.32 4.85
C VAL A 47 -1.57 -0.67 5.65
N ILE A 48 -1.13 -1.75 5.00
CA ILE A 48 -0.32 -2.76 5.65
C ILE A 48 0.87 -2.98 4.74
N VAL A 49 2.07 -2.70 5.26
CA VAL A 49 3.29 -2.85 4.49
C VAL A 49 4.16 -3.98 5.04
N ASP A 50 4.65 -4.82 4.13
CA ASP A 50 5.53 -5.92 4.49
C ASP A 50 6.68 -5.99 3.50
N ILE A 51 7.90 -5.90 4.03
CA ILE A 51 9.10 -6.03 3.21
C ILE A 51 9.88 -7.21 3.77
N PRO A 52 9.78 -8.39 3.13
CA PRO A 52 10.50 -9.58 3.60
C PRO A 52 12.00 -9.30 3.68
N LYS A 53 12.68 -9.92 4.63
CA LYS A 53 14.11 -9.71 4.79
C LYS A 53 14.89 -9.93 3.50
N ASP A 54 14.45 -10.88 2.68
CA ASP A 54 15.16 -11.16 1.43
C ASP A 54 15.02 -10.08 0.37
N SER A 55 14.17 -9.09 0.61
CA SER A 55 14.00 -7.99 -0.34
C SER A 55 15.05 -6.91 -0.09
N PHE A 56 15.73 -7.01 1.05
CA PHE A 56 16.79 -6.08 1.43
C PHE A 56 18.13 -6.59 0.88
N GLU A 57 19.09 -5.68 0.68
CA GLU A 57 20.40 -6.09 0.21
C GLU A 57 21.12 -6.64 1.44
N VAL A 58 20.89 -5.98 2.58
CA VAL A 58 21.45 -6.36 3.86
C VAL A 58 20.35 -6.17 4.91
N TYR A 59 20.18 -7.14 5.80
CA TYR A 59 19.17 -7.05 6.84
C TYR A 59 19.76 -7.64 8.12
N ASN A 60 20.36 -6.77 8.94
CA ASN A 60 20.98 -7.21 10.19
C ASN A 60 20.35 -6.57 11.40
N ILE A 61 19.64 -7.36 12.19
CA ILE A 61 19.02 -6.86 13.41
C ILE A 61 19.41 -7.76 14.56
N ASP A 62 19.52 -7.19 15.76
CA ASP A 62 19.86 -7.98 16.94
C ASP A 62 18.56 -8.60 17.41
N GLU A 63 17.73 -7.81 18.08
CA GLU A 63 16.44 -8.30 18.53
C GLU A 63 15.37 -7.59 17.72
N GLU A 64 14.16 -8.13 17.69
CA GLU A 64 13.08 -7.49 16.95
C GLU A 64 12.81 -6.17 17.64
N LYS A 65 12.69 -5.10 16.87
CA LYS A 65 12.47 -3.79 17.46
C LYS A 65 11.41 -2.97 16.74
N THR A 66 10.70 -2.16 17.52
CA THR A 66 9.66 -1.29 16.98
C THR A 66 10.11 0.15 17.21
N ILE A 67 10.04 0.97 16.17
CA ILE A 67 10.42 2.38 16.31
C ILE A 67 9.26 3.25 15.84
N GLY A 68 9.21 4.48 16.35
CA GLY A 68 8.18 5.42 15.96
C GLY A 68 8.82 6.40 14.98
N VAL A 69 8.21 6.57 13.82
CA VAL A 69 8.78 7.44 12.81
C VAL A 69 7.87 8.55 12.28
N ASP A 70 8.44 9.73 12.12
CA ASP A 70 7.72 10.87 11.57
C ASP A 70 7.76 10.62 10.06
N MET A 71 6.66 10.13 9.52
CA MET A 71 6.60 9.83 8.09
C MET A 71 6.69 11.04 7.16
N ASP A 72 6.19 12.19 7.61
CA ASP A 72 6.28 13.38 6.75
C ASP A 72 7.74 13.72 6.51
N ARG A 73 8.56 13.60 7.56
CA ARG A 73 9.98 13.90 7.45
C ARG A 73 10.73 12.92 6.56
N ILE A 74 10.54 11.62 6.79
CA ILE A 74 11.21 10.62 5.98
C ILE A 74 10.80 10.79 4.52
N PHE A 75 9.53 11.13 4.30
CA PHE A 75 9.05 11.32 2.94
C PHE A 75 9.74 12.52 2.32
N ASP A 76 9.86 13.59 3.08
CA ASP A 76 10.51 14.79 2.58
C ASP A 76 11.95 14.48 2.22
N ILE A 77 12.66 13.82 3.13
CA ILE A 77 14.06 13.45 2.91
C ILE A 77 14.22 12.46 1.75
N SER A 78 13.25 11.56 1.59
CA SER A 78 13.31 10.56 0.53
C SER A 78 13.28 11.21 -0.85
N LYS A 79 12.78 12.44 -0.93
CA LYS A 79 12.72 13.15 -2.21
C LYS A 79 14.11 13.52 -2.71
N SER A 80 15.08 13.55 -1.80
CA SER A 80 16.46 13.88 -2.17
C SER A 80 17.24 12.60 -2.47
N ILE A 81 16.57 11.46 -2.29
CA ILE A 81 17.18 10.17 -2.55
C ILE A 81 16.79 9.71 -3.96
N SER A 82 17.75 9.14 -4.67
CA SER A 82 17.51 8.65 -6.02
C SER A 82 17.01 7.21 -5.96
N THR A 83 16.16 6.82 -6.91
CA THR A 83 15.64 5.46 -6.95
C THR A 83 16.78 4.48 -7.13
N LYS A 84 17.88 4.95 -7.71
CA LYS A 84 19.06 4.11 -7.96
C LYS A 84 20.11 4.16 -6.86
N ASP A 85 19.86 4.95 -5.82
CA ASP A 85 20.78 5.05 -4.69
C ASP A 85 20.54 3.84 -3.80
N LEU A 86 21.55 3.41 -3.07
CA LEU A 86 21.36 2.33 -2.11
C LEU A 86 21.26 3.11 -0.81
N VAL A 87 20.30 2.75 0.04
CA VAL A 87 20.12 3.47 1.29
C VAL A 87 20.31 2.55 2.50
N GLU A 88 21.05 3.03 3.49
CA GLU A 88 21.28 2.25 4.69
C GLU A 88 20.53 2.92 5.84
N LEU A 89 19.80 2.12 6.61
CA LEU A 89 19.05 2.63 7.76
C LEU A 89 19.72 2.04 8.99
N ILE A 90 20.03 2.88 9.95
CA ILE A 90 20.67 2.42 11.18
C ILE A 90 20.00 2.99 12.42
N VAL A 91 19.78 2.11 13.40
CA VAL A 91 19.21 2.52 14.69
C VAL A 91 20.11 1.87 15.72
N GLU A 92 20.98 2.66 16.33
CA GLU A 92 21.92 2.17 17.32
C GLU A 92 21.36 2.17 18.73
N ASP A 93 20.47 3.11 19.01
CA ASP A 93 19.85 3.20 20.33
C ASP A 93 18.33 3.10 20.19
N GLU A 94 17.63 4.15 20.59
CA GLU A 94 16.17 4.16 20.50
C GLU A 94 15.63 5.54 20.18
N SER A 95 16.51 6.53 20.15
CA SER A 95 16.08 7.90 19.88
C SER A 95 16.50 8.45 18.51
N THR A 96 17.43 7.79 17.83
CA THR A 96 17.88 8.29 16.54
C THR A 96 17.93 7.27 15.39
N LEU A 97 17.46 7.71 14.23
CA LEU A 97 17.47 6.90 13.02
C LEU A 97 18.44 7.56 12.05
N LYS A 98 19.41 6.79 11.56
CA LYS A 98 20.37 7.31 10.59
C LYS A 98 19.97 6.80 9.22
N VAL A 99 19.98 7.70 8.24
CA VAL A 99 19.63 7.35 6.86
C VAL A 99 20.82 7.75 6.02
N LYS A 100 21.50 6.77 5.45
CA LYS A 100 22.68 7.06 4.65
C LYS A 100 22.53 6.65 3.18
N PHE A 101 22.93 7.56 2.29
CA PHE A 101 22.86 7.31 0.87
C PHE A 101 23.84 8.26 0.20
N GLY A 102 24.53 7.79 -0.84
CA GLY A 102 25.49 8.64 -1.50
C GLY A 102 26.51 9.07 -0.46
N SER A 103 26.84 10.36 -0.43
CA SER A 103 27.80 10.87 0.54
C SER A 103 27.09 11.60 1.67
N VAL A 104 25.81 11.30 1.83
CA VAL A 104 24.99 11.95 2.84
C VAL A 104 24.52 11.05 3.99
N GLU A 105 24.49 11.63 5.18
CA GLU A 105 23.99 10.92 6.36
C GLU A 105 22.97 11.83 7.03
N TYR A 106 21.73 11.38 7.07
CA TYR A 106 20.63 12.11 7.68
C TYR A 106 20.35 11.47 9.04
N LYS A 107 20.13 12.29 10.05
CA LYS A 107 19.83 11.78 11.39
C LYS A 107 18.50 12.40 11.81
N VAL A 108 17.53 11.57 12.17
CA VAL A 108 16.26 12.10 12.60
C VAL A 108 15.87 11.51 13.94
N ALA A 109 15.28 12.34 14.79
CA ALA A 109 14.86 11.90 16.10
C ALA A 109 13.66 10.98 15.94
N LEU A 110 13.70 9.84 16.64
CA LEU A 110 12.60 8.90 16.58
C LEU A 110 11.50 9.36 17.53
N ILE A 111 10.30 8.82 17.33
CA ILE A 111 9.15 9.18 18.16
C ILE A 111 8.86 8.01 19.09
N ASP A 112 8.43 8.32 20.31
CA ASP A 112 8.10 7.26 21.26
C ASP A 112 6.91 6.52 20.67
N PRO A 113 7.07 5.22 20.38
CA PRO A 113 5.99 4.39 19.80
C PRO A 113 4.65 4.55 20.52
N SER A 114 4.70 4.71 21.84
CA SER A 114 3.50 4.84 22.64
C SER A 114 2.74 6.13 22.35
N ALA A 115 3.46 7.17 21.95
CA ALA A 115 2.86 8.46 21.64
C ALA A 115 2.10 8.40 20.32
N ILE A 116 2.33 7.33 19.56
CA ILE A 116 1.67 7.14 18.28
C ILE A 116 0.37 6.38 18.48
N ARG A 117 -0.62 6.67 17.63
CA ARG A 117 -1.92 6.01 17.72
C ARG A 117 -1.78 4.50 17.83
N LYS A 118 -2.51 3.91 18.77
CA LYS A 118 -2.51 2.47 19.00
C LYS A 118 -2.38 1.65 17.73
N GLU A 119 -1.57 0.60 17.80
CA GLU A 119 -1.36 -0.29 16.65
C GLU A 119 -2.70 -0.94 16.29
N PRO A 120 -3.18 -0.73 15.06
CA PRO A 120 -4.45 -1.31 14.60
C PRO A 120 -4.37 -2.81 14.31
N ARG A 121 -5.50 -3.49 14.45
CA ARG A 121 -5.55 -4.93 14.18
C ARG A 121 -5.94 -5.20 12.73
N ILE A 122 -5.42 -6.28 12.17
CA ILE A 122 -5.73 -6.64 10.79
C ILE A 122 -7.06 -7.39 10.75
N PRO A 123 -8.05 -6.84 10.02
CA PRO A 123 -9.36 -7.48 9.91
C PRO A 123 -9.30 -8.84 9.21
N GLU A 124 -9.95 -9.84 9.78
CA GLU A 124 -9.97 -11.18 9.19
C GLU A 124 -11.12 -11.25 8.19
N LEU A 125 -10.98 -10.50 7.11
CA LEU A 125 -11.99 -10.45 6.07
C LEU A 125 -12.14 -11.75 5.29
N GLU A 126 -13.37 -12.22 5.18
CA GLU A 126 -13.69 -13.44 4.45
C GLU A 126 -14.30 -12.99 3.13
N LEU A 127 -13.52 -13.01 2.06
CA LEU A 127 -14.02 -12.57 0.75
C LEU A 127 -14.02 -13.65 -0.32
N PRO A 128 -15.15 -13.79 -1.04
CA PRO A 128 -15.36 -14.79 -2.10
C PRO A 128 -14.68 -14.57 -3.45
N ALA A 129 -14.42 -13.31 -3.81
CA ALA A 129 -13.80 -13.02 -5.10
C ALA A 129 -12.33 -12.64 -5.01
N LYS A 130 -11.53 -13.24 -5.89
CA LYS A 130 -10.10 -12.96 -5.94
C LYS A 130 -9.75 -12.66 -7.38
N ILE A 131 -9.21 -11.47 -7.62
CA ILE A 131 -8.86 -11.02 -8.95
C ILE A 131 -7.41 -10.57 -8.99
N VAL A 132 -6.63 -11.13 -9.91
CA VAL A 132 -5.21 -10.76 -10.04
C VAL A 132 -5.02 -10.12 -11.41
N MET A 133 -4.46 -8.90 -11.43
CA MET A 133 -4.25 -8.17 -12.66
C MET A 133 -3.04 -7.26 -12.55
N ASP A 134 -2.76 -6.52 -13.63
CA ASP A 134 -1.66 -5.58 -13.64
C ASP A 134 -2.14 -4.31 -12.93
N ALA A 135 -1.33 -3.80 -12.00
CA ALA A 135 -1.68 -2.61 -11.24
C ALA A 135 -1.83 -1.38 -12.13
N GLY A 136 -1.04 -1.33 -13.21
CA GLY A 136 -1.11 -0.20 -14.12
C GLY A 136 -2.44 -0.13 -14.84
N GLU A 137 -2.97 -1.30 -15.20
CA GLU A 137 -4.24 -1.39 -15.89
C GLU A 137 -5.35 -0.95 -14.93
N PHE A 138 -5.24 -1.37 -13.68
CA PHE A 138 -6.22 -1.00 -12.65
C PHE A 138 -6.18 0.51 -12.46
N LYS A 139 -4.97 1.05 -12.38
CA LYS A 139 -4.76 2.49 -12.21
C LYS A 139 -5.45 3.27 -13.32
N LYS A 140 -5.35 2.78 -14.54
CA LYS A 140 -5.97 3.44 -15.69
C LYS A 140 -7.50 3.38 -15.58
N ALA A 141 -8.01 2.25 -15.09
CA ALA A 141 -9.45 2.09 -14.93
C ALA A 141 -9.97 3.12 -13.94
N ILE A 142 -9.27 3.26 -12.82
CA ILE A 142 -9.67 4.21 -11.78
C ILE A 142 -9.57 5.64 -12.32
N ALA A 143 -8.55 5.91 -13.12
CA ALA A 143 -8.38 7.25 -13.69
C ALA A 143 -9.53 7.59 -14.62
N ALA A 144 -9.99 6.60 -15.37
CA ALA A 144 -11.12 6.80 -16.30
C ALA A 144 -12.40 7.04 -15.50
N ALA A 145 -12.61 6.21 -14.48
CA ALA A 145 -13.80 6.32 -13.64
C ALA A 145 -13.84 7.67 -12.93
N ASP A 146 -12.67 8.15 -12.52
CA ASP A 146 -12.55 9.42 -11.81
C ASP A 146 -13.06 10.60 -12.61
N LYS A 147 -13.10 10.47 -13.93
CA LYS A 147 -13.58 11.56 -14.77
C LYS A 147 -15.11 11.57 -14.85
N ILE A 148 -15.72 10.46 -14.46
CA ILE A 148 -17.17 10.31 -14.49
C ILE A 148 -17.88 10.49 -13.15
N SER A 149 -17.31 9.92 -12.10
CA SER A 149 -17.94 9.99 -10.79
C SER A 149 -16.93 9.96 -9.66
N ASP A 150 -17.43 10.13 -8.44
CA ASP A 150 -16.55 10.09 -7.27
C ASP A 150 -16.74 8.75 -6.56
N GLN A 151 -17.55 7.89 -7.17
CA GLN A 151 -17.82 6.55 -6.64
C GLN A 151 -17.81 5.53 -7.76
N VAL A 152 -17.35 4.31 -7.46
CA VAL A 152 -17.32 3.25 -8.44
C VAL A 152 -17.79 1.93 -7.85
N ILE A 153 -18.38 1.10 -8.69
CA ILE A 153 -18.83 -0.21 -8.26
C ILE A 153 -17.82 -1.25 -8.75
N PHE A 154 -17.41 -2.15 -7.86
CA PHE A 154 -16.53 -3.25 -8.23
C PHE A 154 -17.47 -4.43 -8.29
N ARG A 155 -17.45 -5.16 -9.39
CA ARG A 155 -18.34 -6.30 -9.55
C ARG A 155 -17.60 -7.50 -10.11
N SER A 156 -17.84 -8.66 -9.51
CA SER A 156 -17.22 -9.90 -9.94
C SER A 156 -18.25 -11.01 -10.02
N ASP A 157 -18.08 -11.89 -11.01
CA ASP A 157 -18.93 -13.05 -11.18
C ASP A 157 -18.21 -13.98 -12.14
N LYS A 158 -18.87 -15.05 -12.57
CA LYS A 158 -18.23 -15.97 -13.49
C LYS A 158 -17.80 -15.34 -14.82
N GLU A 159 -18.47 -14.26 -15.21
CA GLU A 159 -18.14 -13.59 -16.46
C GLU A 159 -16.97 -12.60 -16.40
N GLY A 160 -16.35 -12.47 -15.23
CA GLY A 160 -15.22 -11.56 -15.13
C GLY A 160 -15.31 -10.49 -14.06
N PHE A 161 -14.46 -9.48 -14.19
CA PHE A 161 -14.38 -8.37 -13.24
C PHE A 161 -14.70 -7.05 -13.91
N ARG A 162 -15.56 -6.26 -13.28
CA ARG A 162 -15.94 -4.97 -13.83
C ARG A 162 -15.82 -3.85 -12.80
N ILE A 163 -15.50 -2.66 -13.28
CA ILE A 163 -15.42 -1.46 -12.46
C ILE A 163 -16.34 -0.50 -13.21
N GLU A 164 -17.40 -0.05 -12.55
CA GLU A 164 -18.37 0.82 -13.20
C GLU A 164 -18.57 2.14 -12.49
N ALA A 165 -18.76 3.20 -13.27
CA ALA A 165 -19.00 4.53 -12.73
C ALA A 165 -20.11 5.17 -13.55
N LYS A 166 -21.03 5.84 -12.87
CA LYS A 166 -22.14 6.50 -13.57
C LYS A 166 -22.26 7.96 -13.19
N GLY A 167 -22.51 8.80 -14.18
CA GLY A 167 -22.67 10.22 -13.95
C GLY A 167 -24.08 10.61 -14.37
N ASP A 168 -24.36 11.90 -14.43
CA ASP A 168 -25.69 12.34 -14.83
C ASP A 168 -26.01 11.96 -16.27
N VAL A 169 -25.10 12.26 -17.19
CA VAL A 169 -25.34 11.97 -18.60
C VAL A 169 -24.36 11.00 -19.25
N ASP A 170 -23.38 10.52 -18.49
CA ASP A 170 -22.43 9.56 -19.03
C ASP A 170 -22.09 8.45 -18.04
N SER A 171 -21.40 7.43 -18.52
CA SER A 171 -21.00 6.32 -17.68
C SER A 171 -19.79 5.63 -18.27
N ILE A 172 -19.14 4.82 -17.45
CA ILE A 172 -17.96 4.11 -17.92
C ILE A 172 -17.90 2.75 -17.28
N VAL A 173 -17.52 1.75 -18.07
CA VAL A 173 -17.40 0.39 -17.58
C VAL A 173 -16.07 -0.20 -18.02
N PHE A 174 -15.30 -0.68 -17.06
CA PHE A 174 -14.03 -1.33 -17.31
C PHE A 174 -14.37 -2.80 -17.08
N HIS A 175 -14.01 -3.66 -18.02
CA HIS A 175 -14.34 -5.07 -17.85
C HIS A 175 -13.26 -5.99 -18.42
N MET A 176 -12.91 -6.99 -17.63
CA MET A 176 -11.92 -7.98 -18.04
C MET A 176 -12.47 -9.36 -17.73
N THR A 177 -12.41 -10.25 -18.71
CA THR A 177 -12.90 -11.61 -18.53
C THR A 177 -11.82 -12.45 -17.86
N GLU A 178 -12.20 -13.65 -17.45
CA GLU A 178 -11.26 -14.56 -16.80
C GLU A 178 -10.00 -14.78 -17.63
N THR A 179 -10.16 -14.97 -18.94
CA THR A 179 -9.01 -15.20 -19.80
C THR A 179 -8.06 -14.00 -19.87
N GLU A 180 -8.61 -12.80 -19.69
CA GLU A 180 -7.80 -11.58 -19.74
C GLU A 180 -7.04 -11.30 -18.44
N LEU A 181 -7.54 -11.86 -17.34
CA LEU A 181 -6.92 -11.66 -16.03
C LEU A 181 -5.77 -12.64 -15.80
N ILE A 182 -4.85 -12.28 -14.91
CA ILE A 182 -3.71 -13.15 -14.60
C ILE A 182 -4.21 -14.37 -13.82
N GLU A 183 -5.10 -14.12 -12.88
CA GLU A 183 -5.70 -15.18 -12.06
C GLU A 183 -7.08 -14.66 -11.66
N PHE A 184 -8.08 -15.56 -11.64
CA PHE A 184 -9.44 -15.16 -11.30
C PHE A 184 -10.21 -16.39 -10.84
N ASN A 185 -10.93 -16.28 -9.72
CA ASN A 185 -11.67 -17.42 -9.20
C ASN A 185 -13.17 -17.38 -9.49
N GLY A 186 -13.62 -16.37 -10.22
CA GLY A 186 -15.03 -16.27 -10.59
C GLY A 186 -16.00 -16.05 -9.44
N GLY A 187 -15.50 -15.64 -8.28
CA GLY A 187 -16.37 -15.40 -7.14
C GLY A 187 -17.37 -14.29 -7.39
N GLU A 188 -18.56 -14.41 -6.81
CA GLU A 188 -19.59 -13.40 -6.99
C GLU A 188 -19.50 -12.36 -5.86
N ALA A 189 -19.37 -11.10 -6.25
CA ALA A 189 -19.27 -10.01 -5.29
C ALA A 189 -19.59 -8.67 -5.96
N ARG A 190 -20.07 -7.73 -5.16
CA ARG A 190 -20.42 -6.41 -5.69
C ARG A 190 -20.40 -5.41 -4.55
N SER A 191 -19.53 -4.42 -4.63
CA SER A 191 -19.43 -3.37 -3.60
C SER A 191 -19.13 -2.02 -4.26
N MET A 192 -19.46 -0.94 -3.56
CA MET A 192 -19.20 0.40 -4.09
C MET A 192 -18.13 1.10 -3.24
N PHE A 193 -17.25 1.85 -3.88
CA PHE A 193 -16.18 2.54 -3.17
C PHE A 193 -15.90 3.95 -3.67
N SER A 194 -15.21 4.73 -2.82
CA SER A 194 -14.82 6.10 -3.13
C SER A 194 -13.64 6.12 -4.09
N VAL A 195 -13.81 6.83 -5.20
CA VAL A 195 -12.75 6.95 -6.20
C VAL A 195 -11.55 7.72 -5.66
N ASP A 196 -11.81 8.72 -4.82
CA ASP A 196 -10.73 9.53 -4.25
C ASP A 196 -9.65 8.68 -3.57
N TYR A 197 -10.08 7.74 -2.73
CA TYR A 197 -9.13 6.88 -2.06
C TYR A 197 -8.43 5.92 -3.02
N LEU A 198 -9.20 5.32 -3.94
CA LEU A 198 -8.64 4.38 -4.90
C LEU A 198 -7.58 5.06 -5.75
N LYS A 199 -7.83 6.29 -6.13
CA LYS A 199 -6.89 7.03 -6.96
C LYS A 199 -5.59 7.28 -6.17
N GLU A 200 -5.72 7.61 -4.89
CA GLU A 200 -4.57 7.86 -4.04
C GLU A 200 -3.74 6.58 -3.87
N PHE A 201 -4.42 5.46 -3.68
CA PHE A 201 -3.73 4.16 -3.52
C PHE A 201 -2.82 3.88 -4.71
N CYS A 202 -3.36 4.09 -5.92
CA CYS A 202 -2.62 3.80 -7.14
C CYS A 202 -1.41 4.67 -7.43
N LYS A 203 -1.22 5.74 -6.66
CA LYS A 203 -0.08 6.62 -6.90
C LYS A 203 1.28 5.96 -6.68
N VAL A 204 1.32 4.87 -5.93
CA VAL A 204 2.58 4.18 -5.69
C VAL A 204 2.76 2.96 -6.59
N ALA A 205 1.79 2.73 -7.47
CA ALA A 205 1.84 1.58 -8.37
C ALA A 205 1.91 1.97 -9.85
N GLY A 206 2.29 1.02 -10.68
CA GLY A 206 2.39 1.28 -12.11
C GLY A 206 2.39 0.01 -12.91
N SER A 207 2.51 0.15 -14.23
CA SER A 207 2.53 -1.01 -15.11
C SER A 207 3.65 -1.93 -14.64
N GLY A 208 3.39 -3.23 -14.63
CA GLY A 208 4.42 -4.16 -14.20
C GLY A 208 4.30 -4.60 -12.76
N ASP A 209 3.52 -3.87 -11.96
CA ASP A 209 3.32 -4.24 -10.56
C ASP A 209 2.09 -5.14 -10.50
N LEU A 210 2.09 -6.12 -9.62
CA LEU A 210 0.97 -7.04 -9.50
C LEU A 210 -0.06 -6.51 -8.50
N LEU A 211 -1.34 -6.72 -8.80
CA LEU A 211 -2.40 -6.31 -7.89
C LEU A 211 -3.35 -7.48 -7.72
N THR A 212 -3.61 -7.83 -6.47
CA THR A 212 -4.53 -8.90 -6.15
C THR A 212 -5.67 -8.23 -5.39
N ILE A 213 -6.88 -8.36 -5.93
CA ILE A 213 -8.05 -7.76 -5.30
C ILE A 213 -8.87 -8.85 -4.62
N HIS A 214 -9.21 -8.63 -3.35
CA HIS A 214 -10.05 -9.56 -2.59
C HIS A 214 -11.34 -8.76 -2.42
N LEU A 215 -12.43 -9.27 -2.99
CA LEU A 215 -13.70 -8.56 -2.97
C LEU A 215 -14.90 -9.33 -2.44
N GLY A 216 -15.76 -8.62 -1.70
CA GLY A 216 -16.97 -9.21 -1.16
C GLY A 216 -18.13 -8.29 -1.48
N THR A 217 -19.27 -8.49 -0.83
CA THR A 217 -20.45 -7.66 -1.06
C THR A 217 -20.74 -6.83 0.18
N ASN A 218 -20.64 -5.51 0.03
CA ASN A 218 -20.83 -4.55 1.11
C ASN A 218 -19.79 -4.77 2.20
N TYR A 219 -18.60 -5.14 1.76
CA TYR A 219 -17.45 -5.43 2.62
C TYR A 219 -16.28 -4.58 2.15
N PRO A 220 -15.31 -4.30 3.04
CA PRO A 220 -14.16 -3.51 2.61
C PRO A 220 -13.42 -4.31 1.55
N VAL A 221 -12.78 -3.62 0.61
CA VAL A 221 -12.02 -4.32 -0.43
C VAL A 221 -10.56 -4.36 -0.01
N ARG A 222 -9.87 -5.45 -0.33
CA ARG A 222 -8.45 -5.57 -0.04
C ARG A 222 -7.73 -5.45 -1.38
N LEU A 223 -6.78 -4.51 -1.45
CA LEU A 223 -6.00 -4.29 -2.66
C LEU A 223 -4.55 -4.58 -2.31
N VAL A 224 -4.08 -5.76 -2.67
CA VAL A 224 -2.72 -6.16 -2.37
C VAL A 224 -1.80 -5.88 -3.54
N PHE A 225 -1.01 -4.83 -3.42
CA PHE A 225 -0.06 -4.45 -4.45
C PHE A 225 1.32 -5.05 -4.13
N GLU A 226 2.00 -5.54 -5.16
CA GLU A 226 3.35 -6.06 -5.00
C GLU A 226 4.16 -5.08 -5.84
N LEU A 227 4.98 -4.29 -5.16
CA LEU A 227 5.74 -3.21 -5.78
C LEU A 227 7.25 -3.32 -5.76
N VAL A 228 7.89 -2.45 -6.54
CA VAL A 228 9.34 -2.37 -6.64
C VAL A 228 9.98 -3.71 -6.98
N GLY A 229 9.65 -4.23 -8.16
CA GLY A 229 10.20 -5.51 -8.58
C GLY A 229 9.73 -6.64 -7.67
N GLY A 230 8.55 -6.46 -7.07
CA GLY A 230 8.02 -7.49 -6.19
C GLY A 230 8.72 -7.56 -4.85
N ARG A 231 9.47 -6.51 -4.50
CA ARG A 231 10.19 -6.49 -3.23
C ARG A 231 9.30 -6.15 -2.04
N ALA A 232 8.25 -5.37 -2.29
CA ALA A 232 7.37 -4.95 -1.22
C ALA A 232 5.91 -5.32 -1.44
N LYS A 233 5.24 -5.64 -0.35
CA LYS A 233 3.82 -5.93 -0.41
C LYS A 233 3.17 -4.76 0.30
N VAL A 234 2.29 -4.06 -0.42
CA VAL A 234 1.58 -2.91 0.15
C VAL A 234 0.11 -3.18 -0.06
N GLU A 235 -0.58 -3.46 1.04
CA GLU A 235 -2.01 -3.72 0.97
C GLU A 235 -2.79 -2.55 1.52
N TYR A 236 -3.78 -2.11 0.75
CA TYR A 236 -4.66 -1.03 1.17
C TYR A 236 -6.03 -1.68 1.34
N ILE A 237 -6.73 -1.30 2.40
CA ILE A 237 -8.07 -1.82 2.65
C ILE A 237 -8.95 -0.58 2.71
N LEU A 238 -10.06 -0.62 1.96
CA LEU A 238 -10.95 0.53 1.87
C LEU A 238 -12.38 0.16 2.27
N ALA A 239 -12.94 0.92 3.21
CA ALA A 239 -14.31 0.71 3.67
C ALA A 239 -15.29 0.93 2.52
N PRO A 240 -16.41 0.19 2.49
CA PRO A 240 -17.40 0.32 1.42
C PRO A 240 -18.49 1.36 1.66
N ARG A 241 -19.15 1.75 0.58
CA ARG A 241 -20.28 2.66 0.63
C ARG A 241 -21.46 1.73 0.37
N ILE A 242 -22.68 2.25 0.38
CA ILE A 242 -23.84 1.42 0.13
C ILE A 242 -24.04 1.10 -1.36
N GLU A 243 -23.95 -0.17 -1.72
CA GLU A 243 -24.12 -0.59 -3.11
C GLU A 243 -25.55 -1.11 -3.28
N SER A 244 -26.31 -0.49 -4.18
CA SER A 244 -27.70 -0.89 -4.39
C SER A 244 -28.20 -0.68 -5.82
#